data_6GHU
#
_entry.id   6GHU
#
_cell.length_a   23.395
_cell.length_b   64.786
_cell.length_c   98.949
_cell.angle_alpha   90.000
_cell.angle_beta   90.000
_cell.angle_gamma   90.000
#
_symmetry.space_group_name_H-M   'P 21 21 21'
#
loop_
_entity.id
_entity.type
_entity.pdbx_description
1 polymer 'Type II secretion system protein L'
2 water water
#
_entity_poly.entity_id   1
_entity_poly.type   'polypeptide(L)'
_entity_poly.pdbx_seq_one_letter_code
;QLLGLLGQAATVIGGEPTVSVEQLDFSAARGDVALQVRAPGFDVLERLRSRLSESGLAVQLGSASRDGSTVSARLVIG
;
_entity_poly.pdbx_strand_id   B,A
#
# COMPACT_ATOMS: atom_id res chain seq x y z
N GLN A 1 -2.60 12.50 3.12
CA GLN A 1 -1.78 12.46 4.33
C GLN A 1 -1.60 11.03 4.80
N LEU A 2 -1.59 10.08 3.86
CA LEU A 2 -1.38 8.68 4.20
C LEU A 2 -0.39 7.97 3.29
N LEU A 3 0.23 8.68 2.34
N LEU A 3 0.23 8.68 2.34
CA LEU A 3 1.33 8.08 1.60
CA LEU A 3 1.34 8.07 1.61
C LEU A 3 2.47 7.72 2.55
C LEU A 3 2.47 7.71 2.55
N GLY A 4 2.75 8.57 3.52
CA GLY A 4 3.71 8.24 4.55
C GLY A 4 3.20 7.16 5.47
N LEU A 5 1.87 7.13 5.70
CA LEU A 5 1.27 6.06 6.48
C LEU A 5 1.60 4.71 5.89
N LEU A 6 1.27 4.53 4.60
CA LEU A 6 1.59 3.29 3.92
C LEU A 6 3.11 3.06 3.88
N GLY A 7 3.86 4.09 3.53
CA GLY A 7 5.30 3.96 3.50
C GLY A 7 5.89 3.58 4.85
N GLN A 8 5.39 4.20 5.92
CA GLN A 8 5.89 3.86 7.24
C GLN A 8 5.50 2.44 7.63
N ALA A 9 4.25 2.06 7.36
CA ALA A 9 3.81 0.69 7.67
C ALA A 9 4.67 -0.33 6.93
N ALA A 10 4.95 -0.09 5.65
CA ALA A 10 5.77 -1.01 4.88
C ALA A 10 7.15 -1.20 5.51
N THR A 11 7.72 -0.13 6.05
CA THR A 11 9.02 -0.23 6.71
C THR A 11 8.92 -1.04 7.99
N VAL A 12 7.91 -0.77 8.81
CA VAL A 12 7.74 -1.50 10.07
C VAL A 12 7.47 -2.98 9.78
N ILE A 13 6.55 -3.25 8.87
CA ILE A 13 6.23 -4.63 8.52
C ILE A 13 7.47 -5.33 7.97
N GLY A 14 8.28 -4.61 7.22
CA GLY A 14 9.52 -5.14 6.69
C GLY A 14 10.50 -5.56 7.76
N GLY A 15 10.41 -4.97 8.96
CA GLY A 15 11.21 -5.41 10.08
C GLY A 15 10.76 -6.70 10.71
N GLU A 16 9.61 -7.24 10.29
CA GLU A 16 9.13 -8.55 10.73
C GLU A 16 9.16 -9.50 9.53
N PRO A 17 10.31 -10.12 9.24
CA PRO A 17 10.43 -10.88 7.99
C PRO A 17 9.57 -12.13 7.92
N THR A 18 9.06 -12.65 9.04
CA THR A 18 8.20 -13.82 8.96
C THR A 18 6.75 -13.47 8.64
N VAL A 19 6.41 -12.18 8.59
CA VAL A 19 5.05 -11.75 8.28
C VAL A 19 4.92 -11.62 6.77
N SER A 20 3.84 -12.16 6.22
CA SER A 20 3.54 -12.05 4.81
C SER A 20 2.24 -11.26 4.66
N VAL A 21 2.24 -10.34 3.68
CA VAL A 21 1.05 -9.56 3.34
C VAL A 21 0.38 -10.24 2.15
N GLU A 22 -0.74 -10.90 2.41
CA GLU A 22 -1.45 -11.61 1.34
C GLU A 22 -2.28 -10.63 0.52
N GLN A 23 -2.86 -9.65 1.17
CA GLN A 23 -3.72 -8.68 0.51
CA GLN A 23 -3.70 -8.67 0.49
C GLN A 23 -3.65 -7.36 1.26
N LEU A 24 -3.80 -6.27 0.52
CA LEU A 24 -3.81 -4.95 1.13
C LEU A 24 -4.72 -4.07 0.29
N ASP A 25 -5.59 -3.32 0.93
CA ASP A 25 -6.47 -2.42 0.19
C ASP A 25 -6.62 -1.12 0.96
N PHE A 26 -6.62 -0.02 0.21
N PHE A 26 -7.07 -0.12 0.21
CA PHE A 26 -6.97 1.27 0.75
CA PHE A 26 -6.87 1.29 0.54
C PHE A 26 -8.06 1.88 -0.11
C PHE A 26 -7.96 2.06 -0.19
N SER A 27 -8.89 2.67 0.54
CA SER A 27 -9.97 3.42 -0.10
C SER A 27 -10.16 4.75 0.64
N ALA A 28 -10.15 5.84 -0.12
CA ALA A 28 -10.36 7.15 0.49
C ALA A 28 -11.73 7.23 1.15
N ALA A 29 -12.74 6.61 0.54
CA ALA A 29 -14.06 6.57 1.16
C ALA A 29 -14.00 5.92 2.54
N ARG A 30 -13.26 4.83 2.68
CA ARG A 30 -13.16 4.14 3.96
C ARG A 30 -12.25 4.89 4.93
N GLY A 31 -11.16 5.44 4.44
CA GLY A 31 -10.30 6.28 5.26
C GLY A 31 -9.24 5.57 6.08
N ASP A 32 -8.92 4.31 5.75
CA ASP A 32 -7.85 3.61 6.43
C ASP A 32 -7.29 2.55 5.50
N VAL A 33 -6.28 1.84 5.98
CA VAL A 33 -5.58 0.83 5.19
C VAL A 33 -5.80 -0.52 5.86
N ALA A 34 -6.33 -1.48 5.11
CA ALA A 34 -6.58 -2.83 5.62
C ALA A 34 -5.60 -3.82 5.01
N LEU A 35 -5.08 -4.71 5.85
CA LEU A 35 -4.05 -5.67 5.47
C LEU A 35 -4.44 -7.05 5.95
N GLN A 36 -4.42 -8.02 5.04
CA GLN A 36 -4.52 -9.44 5.39
C GLN A 36 -3.10 -9.99 5.52
N VAL A 37 -2.73 -10.41 6.73
CA VAL A 37 -1.37 -10.86 7.01
C VAL A 37 -1.39 -12.30 7.50
N ARG A 38 -0.26 -12.96 7.32
CA ARG A 38 0.00 -14.26 7.94
C ARG A 38 1.35 -14.20 8.64
N ALA A 39 1.48 -14.99 9.70
CA ALA A 39 2.72 -15.06 10.46
C ALA A 39 2.80 -16.44 11.09
N PRO A 40 4.00 -16.86 11.53
CA PRO A 40 4.09 -18.20 12.14
C PRO A 40 3.25 -18.35 13.39
N GLY A 41 2.99 -17.27 14.13
CA GLY A 41 2.26 -17.39 15.38
C GLY A 41 1.72 -16.07 15.84
N PHE A 42 0.85 -16.13 16.85
CA PHE A 42 0.16 -14.94 17.33
C PHE A 42 1.14 -13.94 17.93
N ASP A 43 2.23 -14.41 18.54
CA ASP A 43 3.20 -13.49 19.14
C ASP A 43 3.82 -12.58 18.10
N VAL A 44 3.96 -13.06 16.87
CA VAL A 44 4.51 -12.24 15.79
C VAL A 44 3.51 -11.17 15.37
N LEU A 45 2.22 -11.51 15.34
CA LEU A 45 1.21 -10.52 14.99
C LEU A 45 1.11 -9.45 16.07
N GLU A 46 1.20 -9.87 17.34
CA GLU A 46 1.14 -8.91 18.45
C GLU A 46 2.37 -8.02 18.45
N ARG A 47 3.54 -8.59 18.16
CA ARG A 47 4.75 -7.77 18.11
C ARG A 47 4.65 -6.76 16.97
N LEU A 48 4.16 -7.20 15.81
CA LEU A 48 3.98 -6.29 14.68
C LEU A 48 3.00 -5.17 15.01
N ARG A 49 1.88 -5.50 15.67
CA ARG A 49 0.95 -4.46 16.09
C ARG A 49 1.65 -3.46 17.00
N SER A 50 2.40 -3.98 17.98
CA SER A 50 3.11 -3.11 18.91
C SER A 50 4.11 -2.21 18.19
N ARG A 51 4.82 -2.77 17.21
CA ARG A 51 5.80 -1.97 16.47
C ARG A 51 5.13 -0.88 15.63
N LEU A 52 4.00 -1.21 14.99
CA LEU A 52 3.28 -0.21 14.22
C LEU A 52 2.79 0.92 15.11
N SER A 53 2.24 0.57 16.28
CA SER A 53 1.77 1.57 17.22
C SER A 53 2.94 2.39 17.76
N GLU A 54 4.04 1.73 18.12
CA GLU A 54 5.20 2.46 18.61
CA GLU A 54 5.24 2.42 18.59
C GLU A 54 5.74 3.43 17.57
N SER A 55 5.61 3.11 16.28
CA SER A 55 6.08 4.03 15.26
C SER A 55 5.17 5.23 15.08
N GLY A 56 4.04 5.28 15.78
CA GLY A 56 3.13 6.40 15.70
C GLY A 56 1.89 6.14 14.87
N LEU A 57 1.69 4.93 14.36
CA LEU A 57 0.53 4.61 13.55
C LEU A 57 -0.62 4.13 14.41
N ALA A 58 -1.82 4.56 14.06
CA ALA A 58 -3.03 3.97 14.61
C ALA A 58 -3.23 2.60 13.97
N VAL A 59 -3.42 1.59 14.81
CA VAL A 59 -3.43 0.21 14.34
C VAL A 59 -4.46 -0.57 15.13
N GLN A 60 -5.17 -1.45 14.44
CA GLN A 60 -6.09 -2.38 15.06
C GLN A 60 -5.80 -3.76 14.47
N LEU A 61 -5.63 -4.74 15.33
CA LEU A 61 -5.36 -6.11 14.90
C LEU A 61 -6.63 -6.93 15.08
N GLY A 62 -7.17 -7.42 13.97
CA GLY A 62 -8.37 -8.23 14.02
C GLY A 62 -8.11 -9.57 14.65
N SER A 63 -9.19 -10.33 14.78
CA SER A 63 -9.11 -11.66 15.35
C SER A 63 -8.24 -12.55 14.48
N ALA A 64 -7.40 -13.36 15.12
CA ALA A 64 -6.46 -14.22 14.43
C ALA A 64 -6.80 -15.69 14.69
N SER A 65 -6.50 -16.53 13.70
CA SER A 65 -6.72 -17.95 13.80
C SER A 65 -5.58 -18.70 13.11
N ARG A 66 -5.31 -19.91 13.58
CA ARG A 66 -4.27 -20.74 13.00
C ARG A 66 -4.84 -21.72 12.00
N ASP A 67 -4.12 -21.92 10.89
CA ASP A 67 -4.40 -22.97 9.93
C ASP A 67 -3.06 -23.54 9.49
N GLY A 68 -2.74 -24.75 9.92
CA GLY A 68 -1.46 -25.34 9.57
C GLY A 68 -0.32 -24.62 10.25
N SER A 69 0.66 -24.21 9.45
CA SER A 69 1.89 -23.63 9.97
C SER A 69 1.79 -22.13 10.29
N THR A 70 0.70 -21.47 9.91
CA THR A 70 0.61 -20.02 10.05
C THR A 70 -0.70 -19.63 10.74
N VAL A 71 -0.69 -18.42 11.30
CA VAL A 71 -1.90 -17.74 11.73
C VAL A 71 -2.17 -16.59 10.76
N SER A 72 -3.42 -16.14 10.73
CA SER A 72 -3.84 -15.08 9.81
C SER A 72 -4.75 -14.12 10.55
N ALA A 73 -4.70 -12.87 10.14
CA ALA A 73 -5.50 -11.81 10.76
C ALA A 73 -5.59 -10.65 9.80
N ARG A 74 -6.48 -9.72 10.12
CA ARG A 74 -6.64 -8.49 9.37
C ARG A 74 -6.11 -7.33 10.20
N LEU A 75 -5.22 -6.54 9.61
CA LEU A 75 -4.69 -5.33 10.23
C LEU A 75 -5.34 -4.11 9.59
N VAL A 76 -5.78 -3.17 10.42
CA VAL A 76 -6.29 -1.88 9.96
C VAL A 76 -5.36 -0.80 10.47
N ILE A 77 -4.82 0.01 9.55
CA ILE A 77 -3.89 1.08 9.89
C ILE A 77 -4.48 2.40 9.42
N GLY A 78 -4.44 3.40 10.29
CA GLY A 78 -4.96 4.72 9.97
C GLY A 78 -6.34 4.93 10.56
N GLN B 1 8.34 -9.19 -2.59
CA GLN B 1 9.10 -7.95 -2.48
C GLN B 1 8.17 -6.75 -2.49
N LEU B 2 6.89 -6.99 -2.16
N LEU B 2 6.88 -7.00 -2.27
CA LEU B 2 5.91 -5.92 -2.04
CA LEU B 2 5.87 -5.94 -2.29
C LEU B 2 6.40 -4.79 -1.14
C LEU B 2 5.81 -5.17 -0.97
N LEU B 3 6.96 -5.15 0.02
N LEU B 3 6.95 -4.95 -0.34
CA LEU B 3 7.22 -4.18 1.08
CA LEU B 3 7.07 -4.12 0.84
C LEU B 3 7.96 -2.96 0.55
C LEU B 3 8.00 -2.94 0.61
N GLY B 4 9.17 -3.16 0.01
CA GLY B 4 9.96 -2.05 -0.45
C GLY B 4 9.28 -1.33 -1.61
N LEU B 5 8.55 -2.09 -2.43
CA LEU B 5 7.85 -1.50 -3.56
C LEU B 5 6.80 -0.50 -3.09
N LEU B 6 5.97 -0.91 -2.13
CA LEU B 6 5.00 0.00 -1.53
C LEU B 6 5.66 1.28 -1.05
N GLY B 7 6.62 1.13 -0.14
CA GLY B 7 7.26 2.29 0.44
C GLY B 7 7.89 3.19 -0.60
N GLN B 8 8.53 2.58 -1.61
CA GLN B 8 9.18 3.39 -2.64
C GLN B 8 8.16 4.13 -3.48
N ALA B 9 7.10 3.44 -3.90
CA ALA B 9 6.05 4.09 -4.68
C ALA B 9 5.42 5.23 -3.89
N ALA B 10 5.14 5.01 -2.60
CA ALA B 10 4.51 6.05 -1.78
C ALA B 10 5.39 7.29 -1.71
N THR B 11 6.70 7.10 -1.59
CA THR B 11 7.62 8.24 -1.56
C THR B 11 7.63 8.98 -2.89
N VAL B 12 7.63 8.23 -4.00
CA VAL B 12 7.65 8.85 -5.31
C VAL B 12 6.34 9.59 -5.57
N ILE B 13 5.20 8.97 -5.26
CA ILE B 13 3.92 9.62 -5.48
C ILE B 13 3.79 10.86 -4.60
N GLY B 14 4.41 10.83 -3.42
CA GLY B 14 4.44 12.01 -2.56
C GLY B 14 5.21 13.17 -3.15
N GLY B 15 6.15 12.90 -4.06
CA GLY B 15 6.81 13.95 -4.79
C GLY B 15 5.98 14.60 -5.87
N GLU B 16 4.73 14.15 -6.02
CA GLU B 16 3.77 14.74 -6.95
C GLU B 16 2.56 15.19 -6.13
N PRO B 17 2.64 16.36 -5.51
CA PRO B 17 1.52 16.81 -4.65
C PRO B 17 0.19 16.94 -5.36
N THR B 18 0.16 17.11 -6.68
CA THR B 18 -1.15 17.22 -7.32
C THR B 18 -1.81 15.87 -7.55
N VAL B 19 -1.08 14.78 -7.39
CA VAL B 19 -1.65 13.45 -7.59
C VAL B 19 -2.37 13.02 -6.32
N SER B 20 -3.56 12.44 -6.49
CA SER B 20 -4.33 11.90 -5.38
C SER B 20 -4.54 10.40 -5.64
N VAL B 21 -4.41 9.61 -4.59
CA VAL B 21 -4.62 8.17 -4.66
C VAL B 21 -5.99 7.88 -4.08
N GLU B 22 -6.95 7.57 -4.95
CA GLU B 22 -8.31 7.33 -4.51
C GLU B 22 -8.46 5.92 -3.94
N GLN B 23 -7.78 4.95 -4.53
N GLN B 23 -7.75 4.96 -4.51
CA GLN B 23 -7.87 3.57 -4.11
CA GLN B 23 -7.87 3.57 -4.09
C GLN B 23 -6.55 2.89 -4.44
C GLN B 23 -6.58 2.86 -4.48
N LEU B 24 -6.23 1.85 -3.69
CA LEU B 24 -5.02 1.08 -3.94
C LEU B 24 -5.25 -0.33 -3.41
N ASP B 25 -4.70 -1.32 -4.13
CA ASP B 25 -4.88 -2.68 -3.69
C ASP B 25 -3.80 -3.56 -4.29
N PHE B 26 -3.41 -4.58 -3.51
N PHE B 26 -3.39 -4.59 -3.54
CA PHE B 26 -2.51 -5.63 -3.94
CA PHE B 26 -2.58 -5.64 -4.13
C PHE B 26 -3.04 -6.97 -3.46
C PHE B 26 -2.89 -6.96 -3.44
N SER B 27 -2.74 -8.03 -4.21
CA SER B 27 -2.95 -9.38 -3.73
C SER B 27 -1.74 -10.21 -4.16
N ALA B 28 -1.26 -11.08 -3.26
CA ALA B 28 -0.21 -12.00 -3.65
C ALA B 28 -0.62 -12.80 -4.88
N ALA B 29 -1.89 -13.20 -4.95
CA ALA B 29 -2.36 -13.96 -6.09
C ALA B 29 -2.13 -13.20 -7.39
N ARG B 30 -2.54 -11.94 -7.44
CA ARG B 30 -2.40 -11.17 -8.67
C ARG B 30 -0.94 -10.86 -8.94
N GLY B 31 -0.21 -10.39 -7.93
CA GLY B 31 1.22 -10.23 -8.03
C GLY B 31 1.72 -8.81 -8.24
N ASP B 32 0.83 -7.81 -8.24
CA ASP B 32 1.26 -6.44 -8.42
C ASP B 32 0.35 -5.53 -7.61
N VAL B 33 0.70 -4.24 -7.62
CA VAL B 33 -0.03 -3.21 -6.89
C VAL B 33 -0.78 -2.35 -7.89
N ALA B 34 -2.09 -2.19 -7.69
CA ALA B 34 -2.93 -1.37 -8.54
C ALA B 34 -3.38 -0.13 -7.78
N LEU B 35 -3.27 1.03 -8.42
CA LEU B 35 -3.65 2.31 -7.83
C LEU B 35 -4.61 3.04 -8.77
N GLN B 36 -5.69 3.55 -8.21
CA GLN B 36 -6.56 4.49 -8.91
C GLN B 36 -6.14 5.89 -8.50
N VAL B 37 -5.68 6.69 -9.46
CA VAL B 37 -5.14 8.00 -9.17
C VAL B 37 -5.89 9.06 -9.96
N ARG B 38 -5.83 10.28 -9.46
CA ARG B 38 -6.33 11.46 -10.17
C ARG B 38 -5.24 12.51 -10.18
N ALA B 39 -5.22 13.31 -11.25
CA ALA B 39 -4.22 14.35 -11.41
C ALA B 39 -4.84 15.47 -12.24
N PRO B 40 -4.28 16.67 -12.19
CA PRO B 40 -4.86 17.77 -12.97
C PRO B 40 -4.83 17.51 -14.47
N GLY B 41 -3.84 16.79 -14.98
CA GLY B 41 -3.73 16.55 -16.40
C GLY B 41 -2.87 15.35 -16.73
N PHE B 42 -2.90 14.96 -18.01
CA PHE B 42 -2.18 13.78 -18.44
C PHE B 42 -0.67 13.94 -18.32
N ASP B 43 -0.16 15.15 -18.50
CA ASP B 43 1.28 15.36 -18.36
C ASP B 43 1.77 14.94 -16.98
N VAL B 44 0.94 15.17 -15.95
CA VAL B 44 1.32 14.83 -14.59
C VAL B 44 1.34 13.32 -14.39
N LEU B 45 0.37 12.60 -14.97
CA LEU B 45 0.38 11.15 -14.90
C LEU B 45 1.61 10.58 -15.58
N GLU B 46 1.97 11.12 -16.75
CA GLU B 46 3.16 10.67 -17.47
C GLU B 46 4.42 10.95 -16.66
N ARG B 47 4.52 12.14 -16.06
CA ARG B 47 5.68 12.44 -15.24
C ARG B 47 5.77 11.47 -14.07
N LEU B 48 4.65 11.22 -13.40
CA LEU B 48 4.63 10.30 -12.28
C LEU B 48 5.09 8.91 -12.71
N ARG B 49 4.55 8.42 -13.83
CA ARG B 49 5.02 7.14 -14.35
C ARG B 49 6.52 7.19 -14.60
N SER B 50 7.01 8.29 -15.15
CA SER B 50 8.44 8.43 -15.40
C SER B 50 9.24 8.38 -14.11
N ARG B 51 8.75 9.05 -13.06
CA ARG B 51 9.46 9.05 -11.79
C ARG B 51 9.46 7.68 -11.13
N LEU B 52 8.32 7.00 -11.15
CA LEU B 52 8.27 5.65 -10.61
C LEU B 52 9.26 4.74 -11.34
N SER B 53 9.25 4.80 -12.67
CA SER B 53 10.14 3.96 -13.46
C SER B 53 11.59 4.33 -13.21
N GLU B 54 11.89 5.63 -13.12
CA GLU B 54 13.25 6.08 -12.84
C GLU B 54 13.75 5.55 -11.51
N SER B 55 12.85 5.45 -10.52
CA SER B 55 13.23 4.93 -9.21
C SER B 55 13.50 3.43 -9.25
N GLY B 56 13.28 2.78 -10.39
CA GLY B 56 13.55 1.37 -10.53
C GLY B 56 12.34 0.46 -10.49
N LEU B 57 11.13 1.02 -10.42
CA LEU B 57 9.92 0.22 -10.33
C LEU B 57 9.36 -0.08 -11.71
N ALA B 58 8.89 -1.32 -11.88
CA ALA B 58 8.11 -1.66 -13.05
C ALA B 58 6.73 -1.05 -12.91
N VAL B 59 6.32 -0.24 -13.90
CA VAL B 59 5.10 0.54 -13.79
C VAL B 59 4.39 0.53 -15.13
N GLN B 60 3.07 0.37 -15.08
CA GLN B 60 2.20 0.50 -16.23
C GLN B 60 1.15 1.56 -15.92
N LEU B 61 0.93 2.46 -16.86
CA LEU B 61 -0.06 3.52 -16.71
C LEU B 61 -1.25 3.17 -17.60
N GLY B 62 -2.41 2.97 -16.97
CA GLY B 62 -3.59 2.65 -17.72
C GLY B 62 -4.13 3.84 -18.48
N SER B 63 -5.18 3.57 -19.25
CA SER B 63 -5.82 4.63 -20.03
C SER B 63 -6.37 5.70 -19.10
N ALA B 64 -6.19 6.95 -19.50
CA ALA B 64 -6.64 8.10 -18.72
C ALA B 64 -7.74 8.84 -19.46
N SER B 65 -8.65 9.43 -18.68
CA SER B 65 -9.70 10.27 -19.22
C SER B 65 -9.90 11.46 -18.29
N ARG B 66 -10.41 12.55 -18.83
CA ARG B 66 -10.68 13.75 -18.07
C ARG B 66 -12.15 13.84 -17.72
N ASP B 67 -12.42 14.25 -16.48
CA ASP B 67 -13.77 14.63 -16.07
C ASP B 67 -13.65 15.89 -15.24
N GLY B 68 -14.06 17.02 -15.80
CA GLY B 68 -13.96 18.27 -15.09
C GLY B 68 -12.52 18.68 -14.92
N SER B 69 -12.16 19.00 -13.68
CA SER B 69 -10.84 19.55 -13.37
C SER B 69 -9.71 18.54 -13.38
N THR B 70 -10.00 17.24 -13.41
CA THR B 70 -8.97 16.24 -13.22
C THR B 70 -9.07 15.13 -14.26
N VAL B 71 -7.95 14.43 -14.43
CA VAL B 71 -7.88 13.19 -15.18
C VAL B 71 -7.65 12.05 -14.19
N SER B 72 -8.10 10.86 -14.57
CA SER B 72 -8.00 9.70 -13.71
C SER B 72 -7.47 8.51 -14.51
N ALA B 73 -6.70 7.67 -13.83
CA ALA B 73 -6.14 6.50 -14.48
C ALA B 73 -5.81 5.47 -13.41
N ARG B 74 -5.61 4.24 -13.87
CA ARG B 74 -5.18 3.15 -13.01
C ARG B 74 -3.70 2.91 -13.25
N LEU B 75 -2.90 2.93 -12.19
CA LEU B 75 -1.49 2.61 -12.23
C LEU B 75 -1.29 1.19 -11.69
N VAL B 76 -0.43 0.43 -12.36
CA VAL B 76 -0.04 -0.89 -11.90
C VAL B 76 1.47 -0.87 -11.68
N ILE B 77 1.89 -1.15 -10.46
CA ILE B 77 3.31 -1.22 -10.10
C ILE B 77 3.66 -2.67 -9.80
N GLY B 78 4.68 -3.18 -10.49
CA GLY B 78 5.02 -4.60 -10.44
C GLY B 78 5.02 -5.21 -9.06
#